data_1NJW
#
_entry.id   1NJW
#
_cell.length_a   87.950
_cell.length_b   93.685
_cell.length_c   104.992
_cell.angle_alpha   90.00
_cell.angle_beta   90.00
_cell.angle_gamma   90.00
#
_symmetry.space_group_name_H-M   'P 21 21 21'
#
loop_
_entity.id
_entity.type
_entity.pdbx_description
1 polymer 'DNA PRIMER STRAND'
2 polymer 'DNA TEMPLATE STRAND'
3 polymer 'DNA POLYMERASE I'
4 branched beta-D-fructofuranose-(2-1)-alpha-D-glucopyranose
5 non-polymer 'SULFATE ION'
6 non-polymer 'MAGNESIUM ION'
7 water water
#
loop_
_entity_poly.entity_id
_entity_poly.type
_entity_poly.pdbx_seq_one_letter_code
_entity_poly.pdbx_strand_id
1 'polydeoxyribonucleotide' (DG)(DC)(DG)(DA)(DT)(DC)(DA)(DG)(DC)(DG)(DG) B
2 'polydeoxyribonucleotide' (DA)(DC)(DG)(DT)(DC)(DG)(DC)(DT)(DG)(DA)(DT)(DC)(DG)(DC)(DA) C
3 'polypeptide(L)'
;AKMAFTLADRVTEEMLADKAALVVEVVEENYHDAPIVGIAVVNEHGRFFLRPETALADPQFVAWLGDETKKKSMFDSKRA
AVALKWKGIELCGVSFDLLLAAYLLDPAQGVDDVAAAAKMKQYEAVRPDEAVYGKGAKRAVPDEPVLAEHLVRKAAAIWE
LERPFLDELRRNEQDRLLVELEQPLSSILAEMEFAGVKVDTKRLEQMGKELAEQLGTVEQRIYELAGQEFNINSPKQLGV
ILFEKLQLPVLKKTKTGYSTSADVLEKLAPYHEIVENILHYRQLGKLQSTYIEGLLKVVRPDTKKVHTIFNQALTQTGRL
SSTEPNLQNIPIRLEEGRKIRQAFVPSESDWLIFAADYSQIELRVLAHIAEDDNLMEAFRRDLDIHTKTAMDIFQVSEDE
VTPNMRRQAKAVNFGIVYGISDYGLAQNLNISRKEAAEFIERYFESFPGVKRYMENIVQEAKQKGYVTTLLHRRRYLPDI
TSRNFNVRSFAERMAMNTPIQGSAADIIKKAMIDLNARLKEERLQAHLLLQVHDELILEAPKEEMERLCRLVPEVMEQAV
TLRVPLKVDYHYGSTWYDAK
;
A
#
loop_
_chem_comp.id
_chem_comp.type
_chem_comp.name
_chem_comp.formula
DA DNA linking 2'-DEOXYADENOSINE-5'-MONOPHOSPHATE 'C10 H14 N5 O6 P'
DC DNA linking 2'-DEOXYCYTIDINE-5'-MONOPHOSPHATE 'C9 H14 N3 O7 P'
DG DNA linking 2'-DEOXYGUANOSINE-5'-MONOPHOSPHATE 'C10 H14 N5 O7 P'
DT DNA linking THYMIDINE-5'-MONOPHOSPHATE 'C10 H15 N2 O8 P'
FRU D-saccharide, beta linking beta-D-fructofuranose 'C6 H12 O6'
GLC D-saccharide, alpha linking alpha-D-glucopyranose 'C6 H12 O6'
MG non-polymer 'MAGNESIUM ION' 'Mg 2'
SO4 non-polymer 'SULFATE ION' 'O4 S -2'
#
# COMPACT_ATOMS: atom_id res chain seq x y z
N ALA C 1 -32.09 -23.97 12.78
CA ALA C 1 -30.65 -23.84 12.40
C ALA C 1 -29.99 -22.72 13.20
N LYS C 2 -30.80 -21.77 13.67
CA LYS C 2 -30.31 -20.64 14.44
C LYS C 2 -29.22 -21.03 15.43
N MET C 3 -28.29 -20.11 15.66
CA MET C 3 -27.20 -20.37 16.60
C MET C 3 -27.58 -19.80 17.97
N ALA C 4 -27.38 -20.60 19.00
CA ALA C 4 -27.70 -20.19 20.36
C ALA C 4 -26.69 -19.20 20.90
N PHE C 5 -27.16 -18.29 21.74
CA PHE C 5 -26.31 -17.28 22.36
C PHE C 5 -27.13 -16.44 23.33
N THR C 6 -26.43 -15.79 24.24
CA THR C 6 -27.06 -14.94 25.24
C THR C 6 -27.05 -13.47 24.80
N LEU C 7 -28.23 -12.88 24.74
CA LEU C 7 -28.36 -11.47 24.39
C LEU C 7 -28.27 -10.78 25.76
N ALA C 8 -27.05 -10.53 26.21
CA ALA C 8 -26.80 -9.93 27.51
C ALA C 8 -27.19 -8.46 27.67
N ASP C 9 -27.76 -8.15 28.84
CA ASP C 9 -28.15 -6.78 29.16
C ASP C 9 -27.05 -6.18 30.02
N ARG C 10 -26.15 -7.02 30.51
CA ARG C 10 -25.04 -6.59 31.35
C ARG C 10 -23.86 -7.54 31.21
N VAL C 11 -22.67 -7.06 31.52
CA VAL C 11 -21.45 -7.86 31.42
C VAL C 11 -21.28 -8.76 32.66
N THR C 12 -20.87 -10.01 32.43
CA THR C 12 -20.67 -10.96 33.53
C THR C 12 -19.24 -11.52 33.47
N GLU C 13 -18.80 -12.11 34.58
CA GLU C 13 -17.46 -12.67 34.66
C GLU C 13 -17.10 -13.73 33.62
N GLU C 14 -18.03 -14.63 33.30
CA GLU C 14 -17.72 -15.66 32.32
C GLU C 14 -17.51 -15.09 30.91
N MET C 15 -17.84 -13.81 30.75
CA MET C 15 -17.66 -13.13 29.47
C MET C 15 -16.24 -12.60 29.39
N LEU C 16 -15.51 -12.71 30.50
CA LEU C 16 -14.14 -12.20 30.56
C LEU C 16 -13.07 -13.28 30.72
N ALA C 17 -13.29 -14.43 30.08
CA ALA C 17 -12.32 -15.53 30.14
C ALA C 17 -11.01 -15.08 29.52
N ASP C 18 -9.91 -15.80 29.80
CA ASP C 18 -8.62 -15.39 29.27
C ASP C 18 -8.34 -15.76 27.81
N LYS C 19 -9.33 -16.33 27.14
CA LYS C 19 -9.22 -16.64 25.71
C LYS C 19 -10.60 -16.54 25.09
N ALA C 20 -10.71 -15.80 24.00
CA ALA C 20 -12.01 -15.63 23.36
C ALA C 20 -11.93 -15.10 21.94
N ALA C 21 -12.97 -15.38 21.16
CA ALA C 21 -13.09 -14.85 19.82
C ALA C 21 -13.89 -13.59 20.13
N LEU C 22 -13.43 -12.45 19.64
CA LEU C 22 -14.09 -11.17 19.89
C LEU C 22 -14.47 -10.45 18.60
N VAL C 23 -15.66 -9.87 18.60
CA VAL C 23 -16.15 -9.10 17.46
C VAL C 23 -16.59 -7.74 18.00
N VAL C 24 -15.98 -6.69 17.46
CA VAL C 24 -16.26 -5.30 17.81
C VAL C 24 -16.57 -4.73 16.43
N GLU C 25 -17.84 -4.82 16.06
CA GLU C 25 -18.31 -4.44 14.74
C GLU C 25 -18.40 -2.95 14.38
N VAL C 26 -17.67 -2.58 13.33
CA VAL C 26 -17.66 -1.23 12.80
C VAL C 26 -18.06 -1.42 11.35
N VAL C 27 -19.29 -1.03 11.02
CA VAL C 27 -19.82 -1.22 9.69
C VAL C 27 -19.34 -0.24 8.64
N GLU C 28 -19.22 1.04 9.00
CA GLU C 28 -18.73 2.05 8.08
C GLU C 28 -17.39 1.61 7.52
N GLU C 29 -17.20 1.72 6.20
CA GLU C 29 -15.94 1.32 5.58
C GLU C 29 -14.75 2.06 6.21
N ASN C 30 -14.90 3.36 6.39
CA ASN C 30 -13.85 4.16 7.02
C ASN C 30 -14.17 4.14 8.50
N TYR C 31 -13.36 3.41 9.27
CA TYR C 31 -13.61 3.26 10.70
C TYR C 31 -13.18 4.38 11.65
N HIS C 32 -12.52 5.42 11.15
CA HIS C 32 -12.09 6.51 12.01
C HIS C 32 -13.25 7.26 12.66
N ASP C 33 -13.25 7.30 13.99
CA ASP C 33 -14.29 7.96 14.78
C ASP C 33 -15.66 7.43 14.37
N ALA C 34 -15.68 6.18 13.94
CA ALA C 34 -16.92 5.54 13.49
C ALA C 34 -17.65 4.80 14.60
N PRO C 35 -18.95 4.55 14.41
CA PRO C 35 -19.72 3.85 15.45
C PRO C 35 -19.42 2.36 15.57
N ILE C 36 -19.51 1.85 16.79
CA ILE C 36 -19.36 0.42 17.03
C ILE C 36 -20.82 0.01 17.23
N VAL C 37 -21.36 -0.77 16.29
CA VAL C 37 -22.76 -1.17 16.34
C VAL C 37 -23.11 -2.37 17.21
N GLY C 38 -22.12 -3.15 17.62
CA GLY C 38 -22.41 -4.31 18.43
C GLY C 38 -21.16 -5.07 18.79
N ILE C 39 -21.26 -5.90 19.81
CA ILE C 39 -20.12 -6.67 20.28
C ILE C 39 -20.54 -8.13 20.49
N ALA C 40 -19.65 -9.05 20.17
CA ALA C 40 -19.91 -10.46 20.36
C ALA C 40 -18.68 -11.12 20.96
N VAL C 41 -18.91 -12.05 21.88
CA VAL C 41 -17.83 -12.77 22.54
C VAL C 41 -18.14 -14.26 22.55
N VAL C 42 -17.17 -15.06 22.12
CA VAL C 42 -17.33 -16.51 22.15
C VAL C 42 -16.13 -17.07 22.88
N ASN C 43 -16.39 -17.81 23.95
CA ASN C 43 -15.31 -18.43 24.72
C ASN C 43 -15.76 -19.80 25.23
N GLU C 44 -14.99 -20.39 26.13
CA GLU C 44 -15.33 -21.72 26.63
C GLU C 44 -16.65 -21.78 27.37
N HIS C 45 -17.14 -20.65 27.86
CA HIS C 45 -18.39 -20.62 28.60
C HIS C 45 -19.63 -20.42 27.74
N GLY C 46 -19.44 -20.04 26.48
CA GLY C 46 -20.58 -19.85 25.60
C GLY C 46 -20.46 -18.69 24.63
N ARG C 47 -21.59 -18.28 24.08
CA ARG C 47 -21.64 -17.19 23.11
C ARG C 47 -22.46 -16.03 23.65
N PHE C 48 -21.94 -14.81 23.51
CA PHE C 48 -22.64 -13.64 24.01
C PHE C 48 -22.67 -12.45 23.07
N PHE C 49 -23.74 -11.68 23.15
CA PHE C 49 -23.89 -10.46 22.37
C PHE C 49 -24.04 -9.34 23.40
N LEU C 50 -23.34 -8.24 23.20
CA LEU C 50 -23.41 -7.10 24.11
C LEU C 50 -23.65 -5.83 23.33
N ARG C 51 -24.52 -4.97 23.85
CA ARG C 51 -24.79 -3.70 23.20
C ARG C 51 -23.57 -2.85 23.53
N PRO C 52 -23.03 -2.11 22.56
CA PRO C 52 -21.85 -1.29 22.78
C PRO C 52 -21.94 -0.25 23.90
N GLU C 53 -23.04 0.49 23.96
CA GLU C 53 -23.20 1.50 25.01
C GLU C 53 -23.09 0.87 26.39
N THR C 54 -23.43 -0.41 26.47
CA THR C 54 -23.40 -1.14 27.73
C THR C 54 -21.98 -1.62 28.05
N ALA C 55 -21.45 -2.46 27.17
CA ALA C 55 -20.12 -3.03 27.34
C ALA C 55 -19.00 -2.00 27.44
N LEU C 56 -19.00 -1.01 26.55
CA LEU C 56 -17.96 -0.01 26.55
C LEU C 56 -17.99 0.95 27.72
N ALA C 57 -19.06 0.90 28.51
CA ALA C 57 -19.19 1.76 29.68
C ALA C 57 -18.90 0.94 30.93
N ASP C 58 -18.76 -0.37 30.76
CA ASP C 58 -18.48 -1.27 31.87
C ASP C 58 -16.99 -1.35 32.19
N PRO C 59 -16.60 -0.91 33.40
CA PRO C 59 -15.21 -0.92 33.85
C PRO C 59 -14.51 -2.26 33.71
N GLN C 60 -15.21 -3.35 34.03
CA GLN C 60 -14.61 -4.67 33.92
C GLN C 60 -14.34 -5.06 32.47
N PHE C 61 -15.31 -4.77 31.60
CA PHE C 61 -15.15 -5.09 30.19
C PHE C 61 -14.01 -4.30 29.59
N VAL C 62 -13.94 -3.00 29.90
CA VAL C 62 -12.89 -2.16 29.37
C VAL C 62 -11.53 -2.68 29.81
N ALA C 63 -11.43 -3.05 31.09
CA ALA C 63 -10.17 -3.57 31.61
C ALA C 63 -9.81 -4.87 30.87
N TRP C 64 -10.80 -5.72 30.64
CA TRP C 64 -10.59 -6.99 29.94
C TRP C 64 -10.01 -6.72 28.56
N LEU C 65 -10.59 -5.73 27.87
CA LEU C 65 -10.14 -5.35 26.54
C LEU C 65 -8.67 -4.93 26.54
N GLY C 66 -8.29 -4.14 27.54
CA GLY C 66 -6.93 -3.65 27.63
C GLY C 66 -5.92 -4.56 28.32
N ASP C 67 -6.38 -5.71 28.81
CA ASP C 67 -5.48 -6.65 29.49
C ASP C 67 -4.80 -7.56 28.47
N GLU C 68 -3.50 -7.35 28.29
CA GLU C 68 -2.71 -8.14 27.35
C GLU C 68 -2.70 -9.64 27.64
N THR C 69 -2.98 -10.03 28.88
CA THR C 69 -2.96 -11.45 29.23
C THR C 69 -4.28 -12.15 28.90
N LYS C 70 -5.28 -11.37 28.49
CA LYS C 70 -6.58 -11.93 28.11
C LYS C 70 -6.50 -11.97 26.59
N LYS C 71 -6.31 -13.16 26.02
CA LYS C 71 -6.17 -13.32 24.58
C LYS C 71 -7.44 -13.32 23.75
N LYS C 72 -7.43 -12.52 22.68
CA LYS C 72 -8.57 -12.42 21.79
C LYS C 72 -8.22 -12.84 20.37
N SER C 73 -9.17 -13.49 19.70
CA SER C 73 -9.00 -13.91 18.31
C SER C 73 -10.04 -13.07 17.57
N MET C 74 -9.60 -12.36 16.54
CA MET C 74 -10.50 -11.48 15.80
C MET C 74 -10.27 -11.52 14.30
N PHE C 75 -11.05 -10.70 13.58
CA PHE C 75 -10.92 -10.55 12.15
C PHE C 75 -10.80 -9.04 11.93
N ASP C 76 -9.64 -8.61 11.42
CA ASP C 76 -9.37 -7.18 11.18
C ASP C 76 -9.36 -6.45 12.53
N SER C 77 -8.42 -6.84 13.40
CA SER C 77 -8.32 -6.21 14.70
C SER C 77 -7.93 -4.74 14.61
N LYS C 78 -7.26 -4.33 13.54
CA LYS C 78 -6.88 -2.92 13.41
C LYS C 78 -8.13 -2.05 13.36
N ARG C 79 -9.15 -2.50 12.65
CA ARG C 79 -10.40 -1.77 12.53
C ARG C 79 -10.99 -1.52 13.93
N ALA C 80 -11.05 -2.58 14.72
CA ALA C 80 -11.59 -2.49 16.09
C ALA C 80 -10.67 -1.63 16.97
N ALA C 81 -9.37 -1.84 16.86
CA ALA C 81 -8.41 -1.10 17.69
C ALA C 81 -8.51 0.40 17.44
N VAL C 82 -8.57 0.80 16.17
CA VAL C 82 -8.68 2.22 15.85
C VAL C 82 -10.03 2.81 16.30
N ALA C 83 -11.13 2.12 16.03
CA ALA C 83 -12.44 2.63 16.42
C ALA C 83 -12.47 2.78 17.94
N LEU C 84 -11.81 1.87 18.63
CA LEU C 84 -11.76 1.95 20.08
C LEU C 84 -10.85 3.10 20.53
N LYS C 85 -9.75 3.31 19.80
CA LYS C 85 -8.83 4.41 20.14
C LYS C 85 -9.57 5.74 20.12
N TRP C 86 -10.46 5.93 19.14
CA TRP C 86 -11.22 7.17 19.05
C TRP C 86 -12.17 7.35 20.24
N LYS C 87 -12.46 6.26 20.95
CA LYS C 87 -13.32 6.31 22.12
C LYS C 87 -12.51 6.28 23.41
N GLY C 88 -11.19 6.38 23.26
CA GLY C 88 -10.31 6.38 24.42
C GLY C 88 -10.18 5.02 25.09
N ILE C 89 -10.35 3.95 24.33
CA ILE C 89 -10.25 2.60 24.87
C ILE C 89 -9.15 1.82 24.16
N GLU C 90 -8.26 1.21 24.95
CA GLU C 90 -7.14 0.44 24.41
C GLU C 90 -7.49 -1.04 24.25
N LEU C 91 -7.20 -1.59 23.09
CA LEU C 91 -7.44 -3.00 22.83
C LEU C 91 -6.10 -3.73 22.83
N CYS C 92 -5.94 -4.69 23.74
CA CYS C 92 -4.68 -5.44 23.83
C CYS C 92 -4.94 -6.94 23.83
N GLY C 93 -3.87 -7.71 23.71
CA GLY C 93 -3.99 -9.15 23.75
C GLY C 93 -4.52 -9.86 22.53
N VAL C 94 -4.53 -9.21 21.37
CA VAL C 94 -5.01 -9.88 20.17
C VAL C 94 -3.91 -10.84 19.74
N SER C 95 -4.15 -12.14 19.90
CA SER C 95 -3.15 -13.14 19.55
C SER C 95 -3.35 -13.80 18.19
N PHE C 96 -4.50 -13.54 17.57
CA PHE C 96 -4.81 -14.13 16.26
C PHE C 96 -5.78 -13.26 15.47
N ASP C 97 -5.40 -12.91 14.25
CA ASP C 97 -6.25 -12.11 13.39
C ASP C 97 -6.53 -12.92 12.14
N LEU C 98 -7.77 -13.39 12.00
CA LEU C 98 -8.17 -14.21 10.87
C LEU C 98 -7.98 -13.54 9.50
N LEU C 99 -8.15 -12.22 9.43
CA LEU C 99 -7.97 -11.51 8.17
C LEU C 99 -6.52 -11.63 7.70
N LEU C 100 -5.59 -11.36 8.61
CA LEU C 100 -4.17 -11.44 8.28
C LEU C 100 -3.75 -12.89 8.01
N ALA C 101 -4.34 -13.83 8.73
CA ALA C 101 -4.03 -15.25 8.54
C ALA C 101 -4.42 -15.69 7.14
N ALA C 102 -5.66 -15.36 6.76
CA ALA C 102 -6.19 -15.70 5.45
C ALA C 102 -5.36 -15.01 4.37
N TYR C 103 -5.00 -13.76 4.60
CA TYR C 103 -4.19 -13.00 3.64
C TYR C 103 -2.86 -13.68 3.35
N LEU C 104 -2.18 -14.12 4.40
CA LEU C 104 -0.89 -14.77 4.23
C LEU C 104 -1.02 -16.12 3.54
N LEU C 105 -2.08 -16.85 3.84
CA LEU C 105 -2.30 -18.17 3.22
C LEU C 105 -2.52 -18.06 1.71
N ASP C 106 -3.18 -17.00 1.27
CA ASP C 106 -3.43 -16.79 -0.15
C ASP C 106 -4.01 -15.41 -0.40
N PRO C 107 -3.13 -14.43 -0.67
CA PRO C 107 -3.57 -13.05 -0.91
C PRO C 107 -4.43 -12.89 -2.17
N ALA C 108 -4.39 -13.89 -3.05
CA ALA C 108 -5.18 -13.85 -4.28
C ALA C 108 -6.67 -14.08 -4.02
N GLN C 109 -7.01 -14.70 -2.90
CA GLN C 109 -8.42 -14.96 -2.60
C GLN C 109 -9.21 -13.68 -2.36
N GLY C 110 -8.53 -12.61 -2.01
CA GLY C 110 -9.21 -11.35 -1.76
C GLY C 110 -10.17 -11.45 -0.58
N VAL C 111 -9.80 -12.21 0.45
CA VAL C 111 -10.66 -12.34 1.62
C VAL C 111 -10.90 -10.99 2.26
N ASP C 112 -12.17 -10.58 2.36
CA ASP C 112 -12.47 -9.30 3.00
C ASP C 112 -13.57 -9.37 4.05
N ASP C 113 -13.98 -10.58 4.41
CA ASP C 113 -14.94 -10.76 5.49
C ASP C 113 -14.78 -12.16 6.05
N VAL C 114 -15.29 -12.38 7.25
CA VAL C 114 -15.17 -13.67 7.91
C VAL C 114 -15.70 -14.81 7.05
N ALA C 115 -16.82 -14.58 6.38
CA ALA C 115 -17.41 -15.61 5.54
C ALA C 115 -16.45 -16.09 4.47
N ALA C 116 -15.74 -15.16 3.84
CA ALA C 116 -14.79 -15.51 2.79
C ALA C 116 -13.62 -16.34 3.33
N ALA C 117 -13.14 -15.98 4.51
CA ALA C 117 -12.03 -16.71 5.13
C ALA C 117 -12.53 -18.11 5.51
N ALA C 118 -13.71 -18.15 6.11
CA ALA C 118 -14.30 -19.43 6.54
C ALA C 118 -14.51 -20.39 5.38
N LYS C 119 -14.90 -19.89 4.22
CA LYS C 119 -15.12 -20.74 3.07
C LYS C 119 -13.83 -21.47 2.65
N MET C 120 -12.67 -20.92 3.03
CA MET C 120 -11.40 -21.55 2.70
C MET C 120 -11.27 -22.91 3.38
N LYS C 121 -11.96 -23.06 4.51
CA LYS C 121 -11.93 -24.32 5.26
C LYS C 121 -13.30 -24.99 5.27
N GLN C 122 -14.06 -24.77 4.21
CA GLN C 122 -15.39 -25.35 4.05
C GLN C 122 -16.32 -25.12 5.24
N TYR C 123 -16.20 -23.95 5.86
CA TYR C 123 -17.05 -23.57 6.98
C TYR C 123 -17.98 -22.50 6.39
N GLU C 124 -19.27 -22.78 6.40
CA GLU C 124 -20.24 -21.86 5.83
C GLU C 124 -21.41 -21.47 6.73
N ALA C 125 -21.25 -21.63 8.03
CA ALA C 125 -22.31 -21.29 8.98
C ALA C 125 -22.20 -19.82 9.39
N VAL C 126 -21.97 -18.95 8.42
CA VAL C 126 -21.85 -17.51 8.66
C VAL C 126 -22.11 -16.82 7.33
N ARG C 127 -22.86 -15.72 7.35
CA ARG C 127 -23.20 -14.98 6.14
C ARG C 127 -22.15 -13.94 5.75
N PRO C 128 -22.05 -13.61 4.46
CA PRO C 128 -21.08 -12.59 4.06
C PRO C 128 -21.63 -11.27 4.62
N ASP C 129 -20.74 -10.33 4.97
CA ASP C 129 -21.18 -9.05 5.51
C ASP C 129 -22.15 -8.31 4.57
N GLU C 130 -21.85 -8.35 3.27
CA GLU C 130 -22.69 -7.66 2.31
C GLU C 130 -24.13 -8.18 2.34
N ALA C 131 -24.29 -9.48 2.52
CA ALA C 131 -25.62 -10.07 2.56
C ALA C 131 -26.42 -9.55 3.75
N VAL C 132 -25.70 -9.23 4.84
CA VAL C 132 -26.37 -8.74 6.04
C VAL C 132 -26.59 -7.22 6.02
N TYR C 133 -25.58 -6.47 5.57
CA TYR C 133 -25.66 -5.02 5.55
C TYR C 133 -26.05 -4.38 4.23
N GLY C 134 -26.04 -5.17 3.16
CA GLY C 134 -26.37 -4.62 1.85
C GLY C 134 -25.20 -3.80 1.35
N LYS C 135 -25.37 -3.14 0.21
CA LYS C 135 -24.29 -2.32 -0.36
C LYS C 135 -24.77 -0.99 -0.92
N GLY C 136 -23.86 -0.02 -0.96
CA GLY C 136 -24.19 1.29 -1.49
C GLY C 136 -25.24 2.05 -0.70
N ALA C 137 -26.10 2.76 -1.42
CA ALA C 137 -27.16 3.55 -0.81
C ALA C 137 -28.14 2.72 0.01
N LYS C 138 -28.17 1.41 -0.22
CA LYS C 138 -29.07 0.53 0.52
C LYS C 138 -28.41 -0.08 1.76
N ARG C 139 -27.12 0.20 1.94
CA ARG C 139 -26.38 -0.31 3.08
C ARG C 139 -27.02 0.17 4.37
N ALA C 140 -27.11 -0.70 5.37
CA ALA C 140 -27.73 -0.34 6.63
C ALA C 140 -27.57 -1.40 7.71
N VAL C 141 -27.54 -0.98 8.96
CA VAL C 141 -27.43 -1.90 10.09
C VAL C 141 -28.83 -2.45 10.35
N PRO C 142 -28.99 -3.79 10.32
CA PRO C 142 -30.30 -4.41 10.55
C PRO C 142 -30.74 -4.38 12.00
N ASP C 143 -31.98 -4.81 12.25
CA ASP C 143 -32.54 -4.85 13.59
C ASP C 143 -31.66 -5.73 14.49
N GLU C 144 -31.68 -5.45 15.79
CA GLU C 144 -30.87 -6.19 16.75
C GLU C 144 -30.84 -7.72 16.64
N PRO C 145 -32.01 -8.35 16.45
CA PRO C 145 -32.01 -9.82 16.35
C PRO C 145 -31.13 -10.31 15.21
N VAL C 146 -31.24 -9.65 14.06
CA VAL C 146 -30.46 -10.03 12.88
C VAL C 146 -29.00 -9.69 13.09
N LEU C 147 -28.73 -8.49 13.60
CA LEU C 147 -27.36 -8.04 13.85
C LEU C 147 -26.65 -8.95 14.86
N ALA C 148 -27.33 -9.24 15.96
CA ALA C 148 -26.78 -10.08 17.02
C ALA C 148 -26.39 -11.47 16.54
N GLU C 149 -27.27 -12.10 15.77
CA GLU C 149 -26.97 -13.44 15.26
C GLU C 149 -25.77 -13.42 14.32
N HIS C 150 -25.66 -12.37 13.51
CA HIS C 150 -24.54 -12.28 12.58
C HIS C 150 -23.23 -12.13 13.33
N LEU C 151 -23.17 -11.20 14.29
CA LEU C 151 -21.92 -11.00 15.02
C LEU C 151 -21.52 -12.24 15.81
N VAL C 152 -22.50 -12.95 16.35
CA VAL C 152 -22.20 -14.17 17.10
C VAL C 152 -21.67 -15.26 16.16
N ARG C 153 -22.29 -15.40 14.99
CA ARG C 153 -21.83 -16.39 14.02
C ARG C 153 -20.42 -16.06 13.52
N LYS C 154 -20.09 -14.79 13.41
CA LYS C 154 -18.74 -14.42 12.96
C LYS C 154 -17.73 -14.77 14.05
N ALA C 155 -18.10 -14.53 15.31
CA ALA C 155 -17.24 -14.83 16.44
C ALA C 155 -17.07 -16.36 16.55
N ALA C 156 -18.16 -17.06 16.32
CA ALA C 156 -18.16 -18.52 16.38
C ALA C 156 -17.22 -19.09 15.30
N ALA C 157 -17.26 -18.51 14.11
CA ALA C 157 -16.39 -18.97 13.02
C ALA C 157 -14.93 -18.72 13.39
N ILE C 158 -14.64 -17.51 13.90
CA ILE C 158 -13.28 -17.17 14.29
C ILE C 158 -12.79 -18.17 15.35
N TRP C 159 -13.65 -18.45 16.33
CA TRP C 159 -13.34 -19.39 17.41
C TRP C 159 -12.97 -20.77 16.86
N GLU C 160 -13.73 -21.23 15.87
CA GLU C 160 -13.52 -22.53 15.23
C GLU C 160 -12.37 -22.60 14.24
N LEU C 161 -12.16 -21.52 13.49
CA LEU C 161 -11.13 -21.49 12.46
C LEU C 161 -9.69 -21.19 12.87
N GLU C 162 -9.50 -20.66 14.07
CA GLU C 162 -8.16 -20.32 14.53
C GLU C 162 -7.20 -21.51 14.39
N ARG C 163 -7.59 -22.65 14.93
CA ARG C 163 -6.74 -23.84 14.89
C ARG C 163 -6.33 -24.26 13.48
N PRO C 164 -7.31 -24.53 12.59
CA PRO C 164 -6.92 -24.94 11.23
C PRO C 164 -6.10 -23.91 10.46
N PHE C 165 -6.36 -22.62 10.69
CA PHE C 165 -5.58 -21.60 9.99
C PHE C 165 -4.14 -21.59 10.52
N LEU C 166 -3.98 -21.66 11.84
CA LEU C 166 -2.64 -21.68 12.42
C LEU C 166 -1.88 -22.94 11.98
N ASP C 167 -2.60 -24.05 11.86
CA ASP C 167 -1.96 -25.30 11.43
C ASP C 167 -1.42 -25.19 10.01
N GLU C 168 -2.20 -24.60 9.10
CA GLU C 168 -1.72 -24.48 7.73
C GLU C 168 -0.58 -23.47 7.66
N LEU C 169 -0.70 -22.37 8.39
CA LEU C 169 0.38 -21.37 8.38
C LEU C 169 1.68 -22.05 8.82
N ARG C 170 1.59 -22.88 9.88
CA ARG C 170 2.77 -23.58 10.37
C ARG C 170 3.36 -24.49 9.29
N ARG C 171 2.49 -25.21 8.58
CA ARG C 171 2.93 -26.08 7.50
C ARG C 171 3.65 -25.27 6.43
N ASN C 172 3.16 -24.06 6.17
CA ASN C 172 3.76 -23.18 5.17
C ASN C 172 4.96 -22.43 5.71
N GLU C 173 5.30 -22.65 6.97
CA GLU C 173 6.41 -21.96 7.63
C GLU C 173 6.10 -20.46 7.68
N GLN C 174 4.83 -20.13 7.86
CA GLN C 174 4.38 -18.75 7.93
C GLN C 174 3.84 -18.38 9.31
N ASP C 175 3.99 -19.27 10.28
CA ASP C 175 3.48 -18.97 11.62
C ASP C 175 4.16 -17.74 12.23
N ARG C 176 5.48 -17.63 12.10
CA ARG C 176 6.19 -16.47 12.63
C ARG C 176 5.85 -15.22 11.81
N LEU C 177 5.61 -15.41 10.51
CA LEU C 177 5.27 -14.28 9.64
C LEU C 177 4.01 -13.61 10.18
N LEU C 178 3.04 -14.41 10.62
CA LEU C 178 1.81 -13.86 11.17
C LEU C 178 2.01 -13.25 12.56
N VAL C 179 2.48 -14.08 13.49
CA VAL C 179 2.66 -13.68 14.89
C VAL C 179 3.77 -12.68 15.20
N GLU C 180 4.86 -12.73 14.45
CA GLU C 180 5.96 -11.82 14.71
C GLU C 180 6.10 -10.63 13.77
N LEU C 181 5.44 -10.68 12.62
CA LEU C 181 5.52 -9.56 11.67
C LEU C 181 4.19 -8.84 11.43
N GLU C 182 3.24 -9.50 10.75
CA GLU C 182 1.97 -8.85 10.44
C GLU C 182 1.11 -8.41 11.63
N GLN C 183 0.94 -9.27 12.63
CA GLN C 183 0.12 -8.88 13.76
C GLN C 183 0.75 -7.71 14.54
N PRO C 184 2.06 -7.76 14.81
CA PRO C 184 2.62 -6.61 15.54
C PRO C 184 2.52 -5.35 14.68
N LEU C 185 2.73 -5.50 13.38
CA LEU C 185 2.66 -4.37 12.46
C LEU C 185 1.27 -3.76 12.47
N SER C 186 0.26 -4.61 12.60
CA SER C 186 -1.13 -4.15 12.60
C SER C 186 -1.34 -3.10 13.69
N SER C 187 -0.77 -3.34 14.87
CA SER C 187 -0.88 -2.41 15.99
C SER C 187 -0.16 -1.10 15.72
N ILE C 188 0.96 -1.18 15.03
CA ILE C 188 1.75 -0.01 14.68
C ILE C 188 0.98 0.82 13.65
N LEU C 189 0.38 0.15 12.66
CA LEU C 189 -0.39 0.84 11.64
C LEU C 189 -1.59 1.53 12.31
N ALA C 190 -2.19 0.89 13.30
CA ALA C 190 -3.34 1.46 14.02
C ALA C 190 -2.93 2.79 14.66
N GLU C 191 -1.75 2.81 15.29
CA GLU C 191 -1.25 4.02 15.93
C GLU C 191 -1.02 5.12 14.89
N MET C 192 -0.43 4.75 13.74
CA MET C 192 -0.14 5.74 12.70
C MET C 192 -1.42 6.37 12.13
N GLU C 193 -2.40 5.53 11.82
CA GLU C 193 -3.67 5.99 11.29
C GLU C 193 -4.36 6.91 12.29
N PHE C 194 -4.42 6.49 13.54
CA PHE C 194 -5.05 7.27 14.60
C PHE C 194 -4.36 8.62 14.80
N ALA C 195 -3.02 8.62 14.80
CA ALA C 195 -2.28 9.87 14.97
C ALA C 195 -2.61 10.83 13.84
N GLY C 196 -2.59 10.30 12.62
CA GLY C 196 -2.90 11.11 11.45
C GLY C 196 -1.76 12.05 11.08
N VAL C 197 -1.97 12.82 10.01
CA VAL C 197 -0.96 13.78 9.55
C VAL C 197 -1.64 15.14 9.44
N LYS C 198 -1.04 16.15 10.07
CA LYS C 198 -1.57 17.52 10.07
C LYS C 198 -1.45 18.14 8.69
N VAL C 199 -2.49 18.84 8.25
CA VAL C 199 -2.49 19.48 6.94
C VAL C 199 -2.70 20.99 7.05
N ASP C 200 -1.90 21.73 6.29
CA ASP C 200 -1.99 23.19 6.27
C ASP C 200 -3.05 23.49 5.22
N THR C 201 -4.31 23.47 5.63
CA THR C 201 -5.41 23.70 4.69
C THR C 201 -5.41 25.08 4.02
N LYS C 202 -4.96 26.11 4.73
CA LYS C 202 -4.92 27.44 4.13
C LYS C 202 -4.00 27.41 2.93
N ARG C 203 -2.84 26.78 3.11
CA ARG C 203 -1.85 26.65 2.05
C ARG C 203 -2.48 25.94 0.86
N LEU C 204 -3.15 24.81 1.12
CA LEU C 204 -3.79 24.05 0.05
C LEU C 204 -4.85 24.89 -0.66
N GLU C 205 -5.62 25.65 0.12
CA GLU C 205 -6.67 26.50 -0.44
C GLU C 205 -6.09 27.59 -1.33
N GLN C 206 -4.94 28.14 -0.97
CA GLN C 206 -4.32 29.18 -1.78
C GLN C 206 -3.86 28.58 -3.10
N MET C 207 -3.22 27.42 -3.03
CA MET C 207 -2.75 26.74 -4.23
C MET C 207 -3.94 26.50 -5.14
N GLY C 208 -5.05 26.09 -4.54
CA GLY C 208 -6.26 25.84 -5.32
C GLY C 208 -6.70 27.06 -6.09
N LYS C 209 -6.63 28.22 -5.46
CA LYS C 209 -7.03 29.46 -6.12
C LYS C 209 -6.08 29.75 -7.28
N GLU C 210 -4.79 29.57 -7.05
CA GLU C 210 -3.79 29.80 -8.09
C GLU C 210 -4.04 28.87 -9.28
N LEU C 211 -4.24 27.59 -9.00
CA LEU C 211 -4.52 26.61 -10.05
C LEU C 211 -5.78 26.99 -10.82
N ALA C 212 -6.83 27.36 -10.10
CA ALA C 212 -8.09 27.74 -10.72
C ALA C 212 -7.88 28.85 -11.75
N GLU C 213 -7.00 29.80 -11.43
CA GLU C 213 -6.74 30.91 -12.33
C GLU C 213 -6.02 30.43 -13.58
N GLN C 214 -5.01 29.58 -13.40
CA GLN C 214 -4.25 29.04 -14.51
C GLN C 214 -5.07 28.11 -15.39
N LEU C 215 -5.98 27.35 -14.77
CA LEU C 215 -6.82 26.44 -15.54
C LEU C 215 -7.77 27.25 -16.40
N GLY C 216 -8.26 28.35 -15.84
CA GLY C 216 -9.18 29.21 -16.57
C GLY C 216 -8.53 29.73 -17.84
N THR C 217 -7.32 30.26 -17.70
CA THR C 217 -6.57 30.79 -18.84
C THR C 217 -6.30 29.72 -19.88
N VAL C 218 -5.79 28.56 -19.44
CA VAL C 218 -5.49 27.47 -20.36
C VAL C 218 -6.76 26.95 -21.03
N GLU C 219 -7.83 26.84 -20.26
CA GLU C 219 -9.11 26.35 -20.77
C GLU C 219 -9.59 27.22 -21.94
N GLN C 220 -9.58 28.53 -21.74
CA GLN C 220 -10.01 29.47 -22.78
C GLN C 220 -9.11 29.38 -24.00
N ARG C 221 -7.82 29.19 -23.76
CA ARG C 221 -6.85 29.09 -24.84
C ARG C 221 -7.17 27.86 -25.69
N ILE C 222 -7.56 26.78 -25.01
CA ILE C 222 -7.90 25.54 -25.70
C ILE C 222 -9.13 25.72 -26.60
N TYR C 223 -10.16 26.39 -26.08
CA TYR C 223 -11.36 26.62 -26.87
C TYR C 223 -11.04 27.52 -28.04
N GLU C 224 -10.13 28.46 -27.80
CA GLU C 224 -9.69 29.40 -28.82
C GLU C 224 -8.98 28.66 -29.95
N LEU C 225 -8.09 27.76 -29.58
CA LEU C 225 -7.34 26.99 -30.57
C LEU C 225 -8.20 25.94 -31.26
N ALA C 226 -9.23 25.46 -30.56
CA ALA C 226 -10.12 24.44 -31.11
C ALA C 226 -11.22 25.07 -31.96
N GLY C 227 -11.45 26.36 -31.76
CA GLY C 227 -12.48 27.06 -32.50
C GLY C 227 -13.86 26.81 -31.94
N GLN C 228 -13.92 26.22 -30.74
CA GLN C 228 -15.19 25.94 -30.10
C GLN C 228 -14.97 25.42 -28.68
N GLU C 229 -16.01 25.49 -27.86
CA GLU C 229 -15.92 25.01 -26.49
C GLU C 229 -16.40 23.56 -26.44
N PHE C 230 -15.77 22.77 -25.55
CA PHE C 230 -16.13 21.37 -25.39
C PHE C 230 -15.59 20.90 -24.05
N ASN C 231 -16.05 19.74 -23.58
CA ASN C 231 -15.57 19.23 -22.31
C ASN C 231 -14.22 18.56 -22.49
N ILE C 232 -13.17 19.28 -22.13
CA ILE C 232 -11.80 18.79 -22.27
C ILE C 232 -11.57 17.49 -21.51
N ASN C 233 -12.20 17.33 -20.34
CA ASN C 233 -12.04 16.13 -19.53
C ASN C 233 -12.81 14.93 -20.06
N SER C 234 -13.32 15.04 -21.27
CA SER C 234 -14.05 13.95 -21.90
C SER C 234 -13.23 13.41 -23.06
N PRO C 235 -12.50 12.29 -22.84
CA PRO C 235 -11.69 11.69 -23.90
C PRO C 235 -12.44 11.55 -25.21
N LYS C 236 -13.75 11.29 -25.12
CA LYS C 236 -14.57 11.13 -26.30
C LYS C 236 -14.74 12.44 -27.06
N GLN C 237 -15.09 13.51 -26.33
CA GLN C 237 -15.26 14.82 -26.94
C GLN C 237 -13.93 15.38 -27.42
N LEU C 238 -12.88 15.15 -26.63
CA LEU C 238 -11.55 15.61 -26.97
C LEU C 238 -11.04 14.88 -28.20
N GLY C 239 -11.33 13.60 -28.29
CA GLY C 239 -10.90 12.81 -29.43
C GLY C 239 -11.48 13.30 -30.74
N VAL C 240 -12.70 13.83 -30.69
CA VAL C 240 -13.37 14.35 -31.89
C VAL C 240 -12.69 15.64 -32.35
N ILE C 241 -12.38 16.52 -31.41
CA ILE C 241 -11.72 17.79 -31.73
C ILE C 241 -10.34 17.53 -32.35
N LEU C 242 -9.59 16.65 -31.69
CA LEU C 242 -8.24 16.29 -32.13
C LEU C 242 -8.10 15.47 -33.40
N PHE C 243 -8.79 14.33 -33.46
CA PHE C 243 -8.67 13.44 -34.59
C PHE C 243 -9.68 13.58 -35.72
N GLU C 244 -10.63 14.49 -35.55
CA GLU C 244 -11.65 14.71 -36.57
C GLU C 244 -11.67 16.16 -37.04
N LYS C 245 -11.80 17.10 -36.11
CA LYS C 245 -11.84 18.51 -36.50
C LYS C 245 -10.45 19.04 -36.87
N LEU C 246 -9.44 18.69 -36.08
CA LEU C 246 -8.08 19.16 -36.35
C LEU C 246 -7.27 18.18 -37.20
N GLN C 247 -7.82 17.00 -37.44
CA GLN C 247 -7.18 15.99 -38.28
C GLN C 247 -5.80 15.47 -37.84
N LEU C 248 -5.51 15.53 -36.54
CA LEU C 248 -4.23 15.01 -36.08
C LEU C 248 -4.21 13.51 -36.34
N PRO C 249 -3.02 12.94 -36.57
CA PRO C 249 -2.95 11.50 -36.84
C PRO C 249 -3.29 10.63 -35.62
N VAL C 250 -3.87 9.46 -35.89
CA VAL C 250 -4.24 8.53 -34.84
C VAL C 250 -3.09 7.53 -34.68
N LEU C 251 -2.30 7.71 -33.64
CA LEU C 251 -1.16 6.84 -33.39
C LEU C 251 -1.51 5.67 -32.49
N LYS C 252 -2.56 5.86 -31.68
CA LYS C 252 -3.04 4.82 -30.77
C LYS C 252 -4.54 4.91 -30.59
N LYS C 253 -5.18 3.76 -30.46
CA LYS C 253 -6.61 3.71 -30.26
C LYS C 253 -6.94 2.88 -29.02
N THR C 254 -8.01 3.27 -28.32
CA THR C 254 -8.44 2.57 -27.13
C THR C 254 -9.58 1.64 -27.52
N LYS C 255 -9.85 0.66 -26.66
CA LYS C 255 -10.92 -0.30 -26.91
C LYS C 255 -12.21 0.37 -27.36
N THR C 256 -12.49 1.57 -26.84
CA THR C 256 -13.72 2.27 -27.20
C THR C 256 -13.56 3.44 -28.17
N GLY C 257 -12.35 3.91 -28.39
CA GLY C 257 -12.15 5.02 -29.31
C GLY C 257 -10.74 5.51 -29.49
N TYR C 258 -10.58 6.81 -29.70
CA TYR C 258 -9.26 7.42 -29.88
C TYR C 258 -8.53 7.56 -28.54
N SER C 259 -7.25 7.25 -28.53
CA SER C 259 -6.45 7.39 -27.32
C SER C 259 -6.02 8.85 -27.18
N THR C 260 -6.09 9.38 -25.97
CA THR C 260 -5.68 10.77 -25.72
C THR C 260 -4.77 10.84 -24.51
N SER C 261 -4.06 9.75 -24.24
CA SER C 261 -3.14 9.69 -23.11
C SER C 261 -1.95 10.62 -23.33
N ALA C 262 -1.33 11.04 -22.23
CA ALA C 262 -0.20 11.95 -22.29
C ALA C 262 0.89 11.48 -23.27
N ASP C 263 1.23 10.21 -23.21
CA ASP C 263 2.26 9.67 -24.10
C ASP C 263 1.91 9.86 -25.57
N VAL C 264 0.62 9.76 -25.91
CA VAL C 264 0.17 9.94 -27.29
C VAL C 264 0.26 11.41 -27.66
N LEU C 265 -0.29 12.27 -26.79
CA LEU C 265 -0.29 13.70 -27.03
C LEU C 265 1.11 14.25 -27.23
N GLU C 266 2.06 13.78 -26.43
CA GLU C 266 3.45 14.21 -26.52
C GLU C 266 3.91 14.14 -27.98
N LYS C 267 3.55 13.05 -28.65
CA LYS C 267 3.94 12.85 -30.04
C LYS C 267 3.19 13.73 -31.04
N LEU C 268 2.03 14.23 -30.64
CA LEU C 268 1.23 15.08 -31.51
C LEU C 268 1.49 16.56 -31.34
N ALA C 269 2.25 16.92 -30.31
CA ALA C 269 2.55 18.31 -30.01
C ALA C 269 2.98 19.14 -31.23
N PRO C 270 3.92 18.63 -32.03
CA PRO C 270 4.40 19.34 -33.23
C PRO C 270 3.34 19.72 -34.26
N TYR C 271 2.28 18.91 -34.35
CA TYR C 271 1.22 19.16 -35.32
C TYR C 271 0.30 20.32 -35.03
N HIS C 272 0.04 20.60 -33.75
CA HIS C 272 -0.87 21.68 -33.41
C HIS C 272 -0.63 22.24 -32.00
N GLU C 273 -0.73 23.56 -31.86
CA GLU C 273 -0.49 24.23 -30.59
C GLU C 273 -1.47 23.83 -29.49
N ILE C 274 -2.64 23.32 -29.87
CA ILE C 274 -3.63 22.93 -28.88
C ILE C 274 -3.14 21.77 -27.99
N VAL C 275 -2.36 20.87 -28.57
CA VAL C 275 -1.85 19.72 -27.82
C VAL C 275 -1.12 20.08 -26.53
N GLU C 276 -0.13 20.96 -26.61
CA GLU C 276 0.63 21.34 -25.42
C GLU C 276 -0.30 21.94 -24.36
N ASN C 277 -1.30 22.70 -24.79
CA ASN C 277 -2.25 23.29 -23.85
C ASN C 277 -3.10 22.22 -23.18
N ILE C 278 -3.47 21.17 -23.93
CA ILE C 278 -4.26 20.08 -23.37
C ILE C 278 -3.41 19.34 -22.34
N LEU C 279 -2.13 19.19 -22.64
CA LEU C 279 -1.22 18.52 -21.73
C LEU C 279 -1.09 19.35 -20.45
N HIS C 280 -0.98 20.66 -20.63
CA HIS C 280 -0.86 21.56 -19.48
C HIS C 280 -2.15 21.51 -18.67
N TYR C 281 -3.28 21.43 -19.36
CA TYR C 281 -4.59 21.37 -18.72
C TYR C 281 -4.74 20.07 -17.92
N ARG C 282 -4.22 18.98 -18.47
CA ARG C 282 -4.28 17.68 -17.81
C ARG C 282 -3.47 17.71 -16.52
N GLN C 283 -2.33 18.38 -16.56
CA GLN C 283 -1.44 18.49 -15.40
C GLN C 283 -2.10 19.29 -14.28
N LEU C 284 -2.53 20.52 -14.60
CA LEU C 284 -3.17 21.40 -13.64
C LEU C 284 -4.44 20.77 -13.08
N GLY C 285 -5.26 20.22 -13.96
CA GLY C 285 -6.51 19.60 -13.55
C GLY C 285 -6.31 18.43 -12.61
N LYS C 286 -5.28 17.63 -12.87
CA LYS C 286 -4.98 16.48 -12.03
C LYS C 286 -4.70 16.97 -10.61
N LEU C 287 -3.89 18.02 -10.50
CA LEU C 287 -3.55 18.59 -9.20
C LEU C 287 -4.76 19.19 -8.50
N GLN C 288 -5.52 20.00 -9.21
CA GLN C 288 -6.71 20.64 -8.62
C GLN C 288 -7.72 19.62 -8.12
N SER C 289 -8.21 18.79 -9.02
CA SER C 289 -9.22 17.79 -8.68
C SER C 289 -8.81 16.70 -7.71
N THR C 290 -7.68 16.05 -7.98
CA THR C 290 -7.21 14.96 -7.14
C THR C 290 -6.46 15.32 -5.88
N TYR C 291 -5.47 16.19 -5.98
CA TYR C 291 -4.68 16.53 -4.81
C TYR C 291 -5.11 17.71 -3.97
N ILE C 292 -5.68 18.74 -4.58
CA ILE C 292 -6.13 19.88 -3.78
C ILE C 292 -7.53 19.64 -3.23
N GLU C 293 -8.50 19.47 -4.12
CA GLU C 293 -9.88 19.25 -3.71
C GLU C 293 -10.05 17.89 -3.03
N GLY C 294 -9.44 16.86 -3.61
CA GLY C 294 -9.55 15.53 -3.04
C GLY C 294 -9.00 15.40 -1.63
N LEU C 295 -7.93 16.13 -1.35
CA LEU C 295 -7.31 16.10 -0.02
C LEU C 295 -8.16 16.90 0.97
N LEU C 296 -8.57 18.10 0.55
CA LEU C 296 -9.38 18.97 1.40
C LEU C 296 -10.68 18.30 1.83
N LYS C 297 -11.20 17.40 1.00
CA LYS C 297 -12.45 16.71 1.31
C LYS C 297 -12.34 15.71 2.45
N VAL C 298 -11.14 15.22 2.73
CA VAL C 298 -10.98 14.23 3.79
C VAL C 298 -10.26 14.73 5.04
N VAL C 299 -9.86 16.00 5.05
CA VAL C 299 -9.20 16.58 6.22
C VAL C 299 -10.28 16.74 7.30
N ARG C 300 -9.96 16.40 8.54
CA ARG C 300 -10.91 16.53 9.63
C ARG C 300 -10.92 18.00 10.07
N PRO C 301 -12.07 18.68 9.93
CA PRO C 301 -12.28 20.09 10.28
C PRO C 301 -11.83 20.53 11.67
N ASP C 302 -12.00 19.66 12.65
CA ASP C 302 -11.64 19.99 14.01
C ASP C 302 -10.14 19.96 14.32
N THR C 303 -9.43 18.97 13.79
CA THR C 303 -8.00 18.85 14.04
C THR C 303 -7.12 19.17 12.83
N LYS C 304 -7.74 19.35 11.68
CA LYS C 304 -7.01 19.64 10.44
C LYS C 304 -6.03 18.53 10.09
N LYS C 305 -6.41 17.29 10.42
CA LYS C 305 -5.58 16.13 10.11
C LYS C 305 -6.27 15.18 9.14
N VAL C 306 -5.48 14.40 8.41
CA VAL C 306 -6.04 13.37 7.53
C VAL C 306 -5.64 12.07 8.21
N HIS C 307 -6.56 11.11 8.27
CA HIS C 307 -6.29 9.82 8.90
C HIS C 307 -6.50 8.74 7.85
N THR C 308 -5.43 8.36 7.18
CA THR C 308 -5.52 7.35 6.14
C THR C 308 -5.82 6.00 6.77
N ILE C 309 -6.11 5.02 5.92
CA ILE C 309 -6.34 3.66 6.37
C ILE C 309 -5.39 2.83 5.52
N PHE C 310 -4.49 2.11 6.17
CA PHE C 310 -3.55 1.27 5.45
C PHE C 310 -4.17 -0.10 5.29
N ASN C 311 -4.38 -0.54 4.06
CA ASN C 311 -4.94 -1.86 3.84
C ASN C 311 -3.76 -2.82 3.92
N GLN C 312 -3.72 -3.60 4.99
CA GLN C 312 -2.63 -4.54 5.23
C GLN C 312 -2.88 -5.90 4.57
N ALA C 313 -4.08 -6.10 4.04
CA ALA C 313 -4.40 -7.39 3.43
C ALA C 313 -4.96 -7.32 2.02
N LEU C 314 -4.28 -6.58 1.14
CA LEU C 314 -4.75 -6.45 -0.23
C LEU C 314 -3.79 -6.91 -1.32
N THR C 315 -2.58 -6.35 -1.35
CA THR C 315 -1.62 -6.68 -2.39
C THR C 315 -1.11 -8.12 -2.40
N GLN C 316 -0.74 -8.59 -3.59
CA GLN C 316 -0.23 -9.94 -3.71
C GLN C 316 1.29 -9.96 -3.54
N THR C 317 1.87 -8.79 -3.27
CA THR C 317 3.30 -8.68 -3.07
C THR C 317 3.65 -8.51 -1.60
N GLY C 318 2.67 -8.14 -0.78
CA GLY C 318 2.94 -7.93 0.63
C GLY C 318 3.11 -6.45 0.96
N ARG C 319 2.99 -5.62 -0.06
CA ARG C 319 3.09 -4.17 0.15
C ARG C 319 1.78 -3.69 0.78
N LEU C 320 1.83 -2.54 1.43
CA LEU C 320 0.64 -1.95 2.03
C LEU C 320 0.04 -1.04 0.96
N SER C 321 -1.23 -0.67 1.11
CA SER C 321 -1.85 0.28 0.20
C SER C 321 -2.48 1.30 1.14
N SER C 322 -2.84 2.46 0.62
CA SER C 322 -3.41 3.53 1.45
C SER C 322 -4.63 4.16 0.80
N THR C 323 -5.65 4.48 1.61
CA THR C 323 -6.87 5.11 1.10
C THR C 323 -7.45 6.17 2.04
N GLU C 324 -8.25 7.06 1.46
CA GLU C 324 -8.96 8.10 2.21
C GLU C 324 -8.17 8.90 3.22
N PRO C 325 -7.15 9.63 2.77
CA PRO C 325 -6.72 9.72 1.37
C PRO C 325 -5.59 8.73 1.10
N ASN C 326 -5.24 8.57 -0.18
CA ASN C 326 -4.14 7.73 -0.56
C ASN C 326 -2.91 8.63 -0.45
N LEU C 327 -2.05 8.35 0.53
CA LEU C 327 -0.85 9.16 0.75
C LEU C 327 0.41 8.55 0.15
N GLN C 328 0.23 7.57 -0.71
CA GLN C 328 1.38 6.92 -1.32
C GLN C 328 1.66 7.39 -2.74
N ASN C 329 0.89 8.37 -3.21
CA ASN C 329 1.12 8.88 -4.55
C ASN C 329 1.04 10.41 -4.65
N ILE C 330 1.48 11.09 -3.59
CA ILE C 330 1.49 12.55 -3.57
C ILE C 330 2.59 12.97 -4.55
N PRO C 331 2.29 13.90 -5.47
CA PRO C 331 3.25 14.38 -6.47
C PRO C 331 4.65 14.70 -5.94
N ILE C 332 5.65 14.47 -6.78
CA ILE C 332 7.03 14.74 -6.39
C ILE C 332 7.97 14.92 -7.60
N ARG C 333 7.65 14.26 -8.71
CA ARG C 333 8.50 14.37 -9.90
C ARG C 333 8.53 15.75 -10.52
N LEU C 334 7.37 16.37 -10.65
CA LEU C 334 7.27 17.72 -11.22
C LEU C 334 7.16 18.73 -10.08
N GLU C 335 8.01 19.76 -10.11
CA GLU C 335 8.03 20.79 -9.08
C GLU C 335 6.66 21.37 -8.74
N GLU C 336 5.84 21.64 -9.75
CA GLU C 336 4.52 22.20 -9.51
C GLU C 336 3.68 21.33 -8.60
N GLY C 337 3.64 20.03 -8.88
CA GLY C 337 2.87 19.12 -8.05
C GLY C 337 3.57 18.81 -6.75
N ARG C 338 4.90 18.88 -6.77
CA ARG C 338 5.69 18.61 -5.58
C ARG C 338 5.34 19.57 -4.44
N LYS C 339 5.04 20.82 -4.79
CA LYS C 339 4.69 21.81 -3.79
C LYS C 339 3.50 21.41 -2.94
N ILE C 340 2.73 20.43 -3.41
CA ILE C 340 1.57 19.93 -2.65
C ILE C 340 2.06 19.46 -1.28
N ARG C 341 3.26 18.90 -1.26
CA ARG C 341 3.85 18.38 -0.04
C ARG C 341 4.11 19.43 1.03
N GLN C 342 4.11 20.70 0.66
CA GLN C 342 4.34 21.76 1.64
C GLN C 342 3.13 21.84 2.57
N ALA C 343 2.03 21.22 2.14
CA ALA C 343 0.79 21.22 2.91
C ALA C 343 0.80 20.20 4.05
N PHE C 344 1.68 19.21 3.99
CA PHE C 344 1.77 18.22 5.05
C PHE C 344 2.80 18.72 6.06
N VAL C 345 2.31 19.05 7.26
CA VAL C 345 3.15 19.63 8.29
C VAL C 345 3.15 18.84 9.60
N PRO C 346 4.06 19.20 10.54
CA PRO C 346 4.13 18.53 11.84
C PRO C 346 2.84 18.84 12.61
N SER C 347 2.44 17.93 13.49
CA SER C 347 1.20 18.12 14.25
C SER C 347 1.36 19.02 15.48
N GLU C 348 2.59 19.41 15.78
CA GLU C 348 2.83 20.26 16.93
C GLU C 348 3.86 21.34 16.66
N SER C 349 3.83 22.36 17.49
CA SER C 349 4.75 23.48 17.35
C SER C 349 6.16 23.01 17.66
N ASP C 350 7.11 23.46 16.86
CA ASP C 350 8.51 23.13 17.05
C ASP C 350 8.84 21.65 16.81
N TRP C 351 8.01 21.01 15.99
CA TRP C 351 8.24 19.61 15.62
C TRP C 351 8.63 19.67 14.15
N LEU C 352 9.25 18.61 13.63
CA LEU C 352 9.67 18.60 12.24
C LEU C 352 9.32 17.25 11.60
N ILE C 353 9.32 17.21 10.27
CA ILE C 353 9.03 15.98 9.54
C ILE C 353 10.38 15.34 9.21
N PHE C 354 10.53 14.05 9.50
CA PHE C 354 11.76 13.31 9.22
C PHE C 354 11.41 12.16 8.28
N ALA C 355 12.06 12.11 7.12
CA ALA C 355 11.79 11.07 6.13
C ALA C 355 13.05 10.26 5.83
N ALA C 356 12.92 8.93 5.85
CA ALA C 356 14.04 8.05 5.54
C ALA C 356 13.59 7.04 4.50
N ASP C 357 14.38 6.90 3.43
CA ASP C 357 14.05 5.97 2.35
C ASP C 357 15.19 5.03 2.00
N TYR C 358 14.85 3.79 1.70
CA TYR C 358 15.84 2.81 1.29
C TYR C 358 16.30 3.19 -0.10
N SER C 359 17.60 3.13 -0.34
CA SER C 359 18.16 3.43 -1.65
C SER C 359 18.26 2.12 -2.44
N GLN C 360 17.49 2.03 -3.51
CA GLN C 360 17.47 0.83 -4.37
C GLN C 360 17.32 -0.47 -3.59
N ILE C 361 16.37 -0.54 -2.67
CA ILE C 361 16.23 -1.78 -1.92
C ILE C 361 15.86 -2.96 -2.82
N GLU C 362 15.01 -2.74 -3.82
CA GLU C 362 14.62 -3.84 -4.70
C GLU C 362 15.80 -4.47 -5.47
N LEU C 363 16.65 -3.64 -6.06
CA LEU C 363 17.80 -4.17 -6.80
C LEU C 363 18.82 -4.79 -5.85
N ARG C 364 18.90 -4.29 -4.61
CA ARG C 364 19.83 -4.87 -3.64
C ARG C 364 19.30 -6.24 -3.24
N VAL C 365 17.98 -6.35 -3.10
CA VAL C 365 17.36 -7.63 -2.76
C VAL C 365 17.62 -8.62 -3.93
N LEU C 366 17.47 -8.13 -5.17
CA LEU C 366 17.72 -8.98 -6.34
C LEU C 366 19.16 -9.48 -6.35
N ALA C 367 20.11 -8.60 -6.01
CA ALA C 367 21.52 -8.98 -5.97
C ALA C 367 21.69 -10.11 -4.95
N HIS C 368 21.02 -9.96 -3.81
CA HIS C 368 21.08 -10.96 -2.75
C HIS C 368 20.48 -12.32 -3.13
N ILE C 369 19.24 -12.31 -3.61
CA ILE C 369 18.58 -13.57 -3.94
C ILE C 369 19.18 -14.28 -5.16
N ALA C 370 19.65 -13.52 -6.14
CA ALA C 370 20.25 -14.11 -7.34
C ALA C 370 21.73 -14.38 -7.17
N GLU C 371 22.35 -13.76 -6.15
CA GLU C 371 23.78 -13.92 -5.90
C GLU C 371 24.56 -13.61 -7.18
N ASP C 372 24.17 -12.53 -7.85
CA ASP C 372 24.85 -12.13 -9.08
C ASP C 372 26.13 -11.40 -8.66
N ASP C 373 27.27 -11.94 -9.05
CA ASP C 373 28.55 -11.35 -8.66
C ASP C 373 28.69 -9.89 -9.04
N ASN C 374 28.34 -9.55 -10.28
CA ASN C 374 28.45 -8.17 -10.77
C ASN C 374 27.55 -7.21 -10.01
N LEU C 375 26.29 -7.59 -9.81
CA LEU C 375 25.36 -6.72 -9.10
C LEU C 375 25.75 -6.56 -7.63
N MET C 376 26.16 -7.66 -7.00
CA MET C 376 26.56 -7.57 -5.59
C MET C 376 27.76 -6.63 -5.45
N GLU C 377 28.75 -6.80 -6.32
CA GLU C 377 29.95 -5.95 -6.28
C GLU C 377 29.57 -4.48 -6.50
N ALA C 378 28.64 -4.24 -7.42
CA ALA C 378 28.20 -2.87 -7.69
C ALA C 378 27.68 -2.23 -6.41
N PHE C 379 26.84 -2.95 -5.67
CA PHE C 379 26.29 -2.40 -4.44
C PHE C 379 27.31 -2.36 -3.29
N ARG C 380 28.26 -3.29 -3.29
CA ARG C 380 29.27 -3.28 -2.24
C ARG C 380 30.13 -2.04 -2.42
N ARG C 381 30.23 -1.55 -3.66
CA ARG C 381 31.00 -0.33 -3.94
C ARG C 381 30.07 0.88 -3.87
N ASP C 382 28.79 0.66 -3.63
CA ASP C 382 27.78 1.73 -3.57
C ASP C 382 27.82 2.61 -4.83
N LEU C 383 27.93 1.94 -5.99
CA LEU C 383 27.96 2.63 -7.27
C LEU C 383 26.60 3.18 -7.66
N ASP C 384 26.59 4.15 -8.56
CA ASP C 384 25.32 4.67 -9.06
C ASP C 384 24.91 3.48 -9.93
N ILE C 385 23.85 2.78 -9.54
CA ILE C 385 23.44 1.59 -10.27
C ILE C 385 22.96 1.82 -11.70
N HIS C 386 22.37 2.97 -11.97
CA HIS C 386 21.90 3.23 -13.34
C HIS C 386 23.11 3.47 -14.26
N THR C 387 24.08 4.23 -13.77
CA THR C 387 25.28 4.50 -14.56
C THR C 387 26.04 3.17 -14.75
N LYS C 388 26.12 2.37 -13.69
CA LYS C 388 26.81 1.09 -13.77
C LYS C 388 26.13 0.18 -14.80
N THR C 389 24.80 0.14 -14.77
CA THR C 389 24.05 -0.68 -15.71
C THR C 389 24.30 -0.22 -17.14
N ALA C 390 24.35 1.10 -17.34
CA ALA C 390 24.61 1.66 -18.66
C ALA C 390 26.00 1.23 -19.14
N MET C 391 27.00 1.37 -18.26
CA MET C 391 28.35 0.98 -18.61
C MET C 391 28.44 -0.45 -19.11
N ASP C 392 27.73 -1.37 -18.46
CA ASP C 392 27.78 -2.77 -18.84
C ASP C 392 26.97 -3.12 -20.09
N ILE C 393 25.72 -2.65 -20.15
CA ILE C 393 24.86 -2.93 -21.28
C ILE C 393 25.38 -2.32 -22.58
N PHE C 394 25.98 -1.14 -22.49
CA PHE C 394 26.50 -0.48 -23.69
C PHE C 394 28.01 -0.61 -23.86
N GLN C 395 28.64 -1.37 -22.96
CA GLN C 395 30.08 -1.60 -23.02
C GLN C 395 30.90 -0.33 -23.17
N VAL C 396 30.80 0.57 -22.19
CA VAL C 396 31.55 1.83 -22.23
C VAL C 396 32.05 2.14 -20.82
N SER C 397 33.01 3.06 -20.73
CA SER C 397 33.55 3.45 -19.43
C SER C 397 32.58 4.42 -18.77
N GLU C 398 32.81 4.71 -17.50
CA GLU C 398 31.93 5.62 -16.77
C GLU C 398 31.85 7.00 -17.45
N ASP C 399 33.00 7.47 -17.91
CA ASP C 399 33.09 8.78 -18.57
C ASP C 399 32.32 8.81 -19.89
N GLU C 400 32.10 7.64 -20.48
CA GLU C 400 31.40 7.54 -21.76
C GLU C 400 29.89 7.42 -21.65
N VAL C 401 29.38 7.30 -20.43
CA VAL C 401 27.93 7.18 -20.25
C VAL C 401 27.29 8.55 -20.45
N THR C 402 26.45 8.65 -21.48
CA THR C 402 25.76 9.91 -21.77
C THR C 402 24.46 9.96 -20.98
N PRO C 403 23.85 11.15 -20.86
CA PRO C 403 22.59 11.27 -20.13
C PRO C 403 21.51 10.33 -20.68
N ASN C 404 21.44 10.18 -22.00
CA ASN C 404 20.41 9.31 -22.56
C ASN C 404 20.68 7.83 -22.28
N MET C 405 21.96 7.47 -22.22
CA MET C 405 22.32 6.09 -21.92
C MET C 405 21.86 5.74 -20.50
N ARG C 406 22.13 6.64 -19.56
CA ARG C 406 21.73 6.40 -18.17
C ARG C 406 20.21 6.29 -18.06
N ARG C 407 19.50 7.18 -18.75
CA ARG C 407 18.04 7.18 -18.71
C ARG C 407 17.50 5.82 -19.14
N GLN C 408 18.03 5.31 -20.24
CA GLN C 408 17.57 4.02 -20.73
C GLN C 408 17.96 2.88 -19.81
N ALA C 409 19.14 2.95 -19.21
CA ALA C 409 19.56 1.90 -18.28
C ALA C 409 18.66 1.96 -17.05
N LYS C 410 18.29 3.18 -16.65
CA LYS C 410 17.42 3.37 -15.49
C LYS C 410 16.04 2.80 -15.80
N ALA C 411 15.60 2.93 -17.04
CA ALA C 411 14.31 2.42 -17.46
C ALA C 411 14.33 0.89 -17.45
N VAL C 412 15.47 0.31 -17.81
CA VAL C 412 15.63 -1.13 -17.79
C VAL C 412 15.59 -1.63 -16.35
N ASN C 413 16.28 -0.92 -15.45
CA ASN C 413 16.27 -1.31 -14.04
C ASN C 413 14.86 -1.20 -13.47
N PHE C 414 14.12 -0.18 -13.90
CA PHE C 414 12.74 0.04 -13.44
C PHE C 414 11.88 -1.15 -13.86
N GLY C 415 12.06 -1.57 -15.11
CA GLY C 415 11.30 -2.70 -15.64
C GLY C 415 11.58 -3.97 -14.87
N ILE C 416 12.81 -4.09 -14.36
CA ILE C 416 13.17 -5.26 -13.59
C ILE C 416 12.56 -5.18 -12.20
N VAL C 417 12.61 -4.00 -11.59
CA VAL C 417 12.06 -3.80 -10.25
C VAL C 417 10.55 -4.07 -10.22
N TYR C 418 9.84 -3.61 -11.24
CA TYR C 418 8.39 -3.81 -11.28
C TYR C 418 7.89 -4.91 -12.21
N GLY C 419 8.83 -5.69 -12.74
CA GLY C 419 8.49 -6.79 -13.62
C GLY C 419 7.56 -6.45 -14.78
N ILE C 420 7.89 -5.43 -15.55
CA ILE C 420 7.06 -5.04 -16.68
C ILE C 420 7.44 -5.84 -17.92
N SER C 421 6.47 -6.07 -18.79
CA SER C 421 6.70 -6.82 -20.02
C SER C 421 7.68 -6.09 -20.94
N ASP C 422 8.32 -6.86 -21.83
CA ASP C 422 9.28 -6.28 -22.77
C ASP C 422 8.54 -5.30 -23.69
N TYR C 423 7.21 -5.34 -23.59
CA TYR C 423 6.32 -4.47 -24.35
C TYR C 423 6.20 -3.15 -23.60
N GLY C 424 6.04 -3.26 -22.28
CA GLY C 424 5.93 -2.08 -21.44
C GLY C 424 7.23 -1.28 -21.44
N LEU C 425 8.34 -1.98 -21.67
CA LEU C 425 9.65 -1.33 -21.71
C LEU C 425 9.75 -0.50 -22.97
N ALA C 426 9.17 -1.03 -24.05
CA ALA C 426 9.16 -0.34 -25.34
C ALA C 426 8.36 0.94 -25.23
N GLN C 427 7.18 0.84 -24.62
CA GLN C 427 6.31 2.01 -24.46
C GLN C 427 7.02 3.11 -23.69
N ASN C 428 7.70 2.73 -22.60
CA ASN C 428 8.40 3.70 -21.76
C ASN C 428 9.59 4.35 -22.46
N LEU C 429 10.32 3.56 -23.24
CA LEU C 429 11.49 4.07 -23.96
C LEU C 429 11.13 4.54 -25.36
N ASN C 430 9.85 4.45 -25.70
CA ASN C 430 9.38 4.85 -27.02
C ASN C 430 10.25 4.20 -28.10
N ILE C 431 10.41 2.90 -27.99
CA ILE C 431 11.19 2.11 -28.94
C ILE C 431 10.41 0.86 -29.33
N SER C 432 10.98 0.04 -30.19
CA SER C 432 10.31 -1.18 -30.65
C SER C 432 10.47 -2.34 -29.69
N ARG C 433 9.44 -3.20 -29.65
CA ARG C 433 9.45 -4.38 -28.79
C ARG C 433 10.74 -5.17 -29.02
N LYS C 434 11.13 -5.29 -30.29
CA LYS C 434 12.34 -6.03 -30.65
C LYS C 434 13.59 -5.43 -30.01
N GLU C 435 13.67 -4.10 -30.03
CA GLU C 435 14.82 -3.40 -29.46
C GLU C 435 14.82 -3.47 -27.94
N ALA C 436 13.63 -3.43 -27.35
CA ALA C 436 13.50 -3.51 -25.90
C ALA C 436 14.01 -4.87 -25.44
N ALA C 437 13.56 -5.92 -26.12
CA ALA C 437 13.97 -7.28 -25.79
C ALA C 437 15.48 -7.38 -25.98
N GLU C 438 15.98 -6.63 -26.94
CA GLU C 438 17.40 -6.61 -27.26
C GLU C 438 18.22 -6.08 -26.08
N PHE C 439 17.68 -5.08 -25.38
CA PHE C 439 18.38 -4.51 -24.23
C PHE C 439 18.37 -5.52 -23.09
N ILE C 440 17.23 -6.17 -22.89
CA ILE C 440 17.06 -7.17 -21.85
C ILE C 440 18.15 -8.22 -22.00
N GLU C 441 18.28 -8.73 -23.22
CA GLU C 441 19.27 -9.75 -23.54
C GLU C 441 20.66 -9.26 -23.17
N ARG C 442 20.92 -7.99 -23.44
CA ARG C 442 22.21 -7.41 -23.12
C ARG C 442 22.40 -7.33 -21.61
N TYR C 443 21.32 -7.04 -20.90
CA TYR C 443 21.38 -6.94 -19.45
C TYR C 443 21.77 -8.30 -18.86
N PHE C 444 21.11 -9.35 -19.32
CA PHE C 444 21.39 -10.69 -18.81
C PHE C 444 22.80 -11.14 -19.10
N GLU C 445 23.39 -10.61 -20.16
CA GLU C 445 24.75 -10.97 -20.53
C GLU C 445 25.68 -10.35 -19.50
N SER C 446 25.30 -9.17 -19.01
CA SER C 446 26.09 -8.46 -18.00
C SER C 446 25.81 -8.95 -16.59
N PHE C 447 24.60 -9.46 -16.36
CA PHE C 447 24.22 -9.97 -15.05
C PHE C 447 23.70 -11.40 -15.17
N PRO C 448 24.62 -12.34 -15.48
CA PRO C 448 24.29 -13.76 -15.64
C PRO C 448 23.62 -14.41 -14.44
N GLY C 449 23.92 -13.91 -13.24
CA GLY C 449 23.30 -14.44 -12.04
C GLY C 449 21.82 -14.13 -12.02
N VAL C 450 21.47 -12.91 -12.45
CA VAL C 450 20.08 -12.49 -12.50
C VAL C 450 19.34 -13.34 -13.54
N LYS C 451 20.00 -13.60 -14.67
CA LYS C 451 19.37 -14.41 -15.71
C LYS C 451 19.10 -15.81 -15.16
N ARG C 452 20.07 -16.37 -14.45
CA ARG C 452 19.93 -17.71 -13.88
C ARG C 452 18.78 -17.74 -12.87
N TYR C 453 18.69 -16.70 -12.06
CA TYR C 453 17.62 -16.61 -11.06
C TYR C 453 16.25 -16.54 -11.72
N MET C 454 16.14 -15.72 -12.77
CA MET C 454 14.89 -15.57 -13.49
C MET C 454 14.44 -16.90 -14.08
N GLU C 455 15.38 -17.66 -14.64
CA GLU C 455 15.04 -18.94 -15.22
C GLU C 455 14.65 -19.93 -14.12
N ASN C 456 15.44 -19.96 -13.05
CA ASN C 456 15.18 -20.87 -11.93
C ASN C 456 13.89 -20.60 -11.17
N ILE C 457 13.57 -19.33 -10.96
CA ILE C 457 12.38 -18.99 -10.22
C ILE C 457 11.11 -19.36 -11.00
N VAL C 458 11.15 -19.21 -12.32
CA VAL C 458 10.01 -19.56 -13.15
C VAL C 458 9.81 -21.08 -13.07
N GLN C 459 10.91 -21.83 -13.09
CA GLN C 459 10.82 -23.29 -13.00
C GLN C 459 10.32 -23.70 -11.63
N GLU C 460 10.74 -22.99 -10.59
CA GLU C 460 10.31 -23.29 -9.23
C GLU C 460 8.80 -23.02 -9.08
N ALA C 461 8.33 -21.90 -9.65
CA ALA C 461 6.92 -21.54 -9.56
C ALA C 461 6.07 -22.61 -10.24
N LYS C 462 6.60 -23.16 -11.33
CA LYS C 462 5.90 -24.19 -12.08
C LYS C 462 5.85 -25.49 -11.28
N GLN C 463 6.97 -25.84 -10.64
CA GLN C 463 7.06 -27.07 -9.84
C GLN C 463 6.28 -27.06 -8.54
N LYS C 464 6.44 -26.01 -7.75
CA LYS C 464 5.77 -25.89 -6.46
C LYS C 464 4.37 -25.29 -6.54
N GLY C 465 4.15 -24.43 -7.54
CA GLY C 465 2.86 -23.78 -7.70
C GLY C 465 2.83 -22.38 -7.13
N TYR C 466 3.94 -21.94 -6.55
CA TYR C 466 4.04 -20.62 -5.94
C TYR C 466 5.49 -20.18 -5.77
N VAL C 467 5.68 -18.91 -5.42
CA VAL C 467 7.00 -18.34 -5.16
C VAL C 467 6.95 -17.77 -3.74
N THR C 468 8.11 -17.57 -3.12
CA THR C 468 8.17 -17.07 -1.75
C THR C 468 9.15 -15.92 -1.59
N THR C 469 8.99 -15.18 -0.50
CA THR C 469 9.84 -14.05 -0.18
C THR C 469 10.78 -14.41 0.96
N LEU C 470 11.67 -13.48 1.28
CA LEU C 470 12.65 -13.69 2.35
C LEU C 470 12.01 -14.15 3.66
N LEU C 471 10.88 -13.53 4.04
CA LEU C 471 10.23 -13.91 5.28
C LEU C 471 9.10 -14.93 5.12
N HIS C 472 9.10 -15.63 3.98
CA HIS C 472 8.16 -16.70 3.68
C HIS C 472 6.75 -16.33 3.26
N ARG C 473 6.59 -15.11 2.75
CA ARG C 473 5.30 -14.68 2.23
C ARG C 473 5.17 -15.52 0.96
N ARG C 474 3.95 -15.84 0.55
CA ARG C 474 3.73 -16.68 -0.61
C ARG C 474 2.77 -16.10 -1.63
N ARG C 475 2.98 -16.48 -2.89
CA ARG C 475 2.11 -16.05 -3.98
C ARG C 475 1.93 -17.22 -4.93
N TYR C 476 0.70 -17.71 -5.04
CA TYR C 476 0.38 -18.83 -5.93
C TYR C 476 0.25 -18.28 -7.36
N LEU C 477 0.83 -19.00 -8.31
CA LEU C 477 0.79 -18.59 -9.70
C LEU C 477 0.23 -19.69 -10.59
N PRO C 478 -1.07 -19.97 -10.48
CA PRO C 478 -1.69 -21.01 -11.29
C PRO C 478 -1.55 -20.78 -12.80
N ASP C 479 -1.49 -19.53 -13.22
CA ASP C 479 -1.37 -19.19 -14.65
C ASP C 479 -0.01 -19.53 -15.25
N ILE C 480 0.93 -19.93 -14.42
CA ILE C 480 2.27 -20.27 -14.89
C ILE C 480 2.26 -21.42 -15.90
N THR C 481 1.19 -22.21 -15.90
CA THR C 481 1.08 -23.36 -16.81
C THR C 481 0.14 -23.13 -18.00
N SER C 482 -0.45 -21.94 -18.08
CA SER C 482 -1.39 -21.62 -19.15
C SER C 482 -0.76 -21.72 -20.55
N ARG C 483 -1.54 -22.20 -21.51
CA ARG C 483 -1.06 -22.31 -22.88
C ARG C 483 -1.31 -21.02 -23.65
N ASN C 484 -1.73 -19.99 -22.93
CA ASN C 484 -1.98 -18.68 -23.51
C ASN C 484 -0.74 -17.85 -23.22
N PHE C 485 0.02 -17.54 -24.27
CA PHE C 485 1.27 -16.79 -24.14
C PHE C 485 1.27 -15.59 -23.20
N ASN C 486 0.36 -14.65 -23.43
CA ASN C 486 0.31 -13.45 -22.60
C ASN C 486 -0.04 -13.74 -21.15
N VAL C 487 -0.99 -14.65 -20.93
CA VAL C 487 -1.38 -14.99 -19.58
C VAL C 487 -0.22 -15.70 -18.87
N ARG C 488 0.45 -16.59 -19.57
CA ARG C 488 1.58 -17.32 -19.00
C ARG C 488 2.77 -16.40 -18.75
N SER C 489 3.07 -15.54 -19.72
CA SER C 489 4.19 -14.62 -19.59
C SER C 489 4.03 -13.69 -18.39
N PHE C 490 2.81 -13.23 -18.14
CA PHE C 490 2.57 -12.35 -17.01
C PHE C 490 2.84 -13.11 -15.71
N ALA C 491 2.37 -14.35 -15.65
CA ALA C 491 2.57 -15.18 -14.47
C ALA C 491 4.07 -15.38 -14.25
N GLU C 492 4.81 -15.53 -15.35
CA GLU C 492 6.25 -15.73 -15.24
C GLU C 492 6.91 -14.47 -14.70
N ARG C 493 6.43 -13.29 -15.11
CA ARG C 493 7.01 -12.05 -14.62
C ARG C 493 6.70 -11.85 -13.14
N MET C 494 5.54 -12.34 -12.69
CA MET C 494 5.17 -12.22 -11.29
C MET C 494 6.03 -13.18 -10.47
N ALA C 495 6.39 -14.31 -11.07
CA ALA C 495 7.24 -15.28 -10.39
C ALA C 495 8.59 -14.64 -10.13
N MET C 496 9.09 -13.95 -11.15
CA MET C 496 10.38 -13.27 -11.09
C MET C 496 10.35 -12.08 -10.12
N ASN C 497 9.29 -11.30 -10.25
CA ASN C 497 9.12 -10.07 -9.48
C ASN C 497 8.66 -10.15 -8.04
N THR C 498 7.80 -11.09 -7.71
CA THR C 498 7.30 -11.15 -6.34
C THR C 498 8.38 -11.37 -5.28
N PRO C 499 9.37 -12.25 -5.53
CA PRO C 499 10.39 -12.42 -4.51
C PRO C 499 11.18 -11.12 -4.28
N ILE C 500 11.23 -10.27 -5.31
CA ILE C 500 11.94 -9.00 -5.19
C ILE C 500 11.12 -7.96 -4.43
N GLN C 501 9.96 -7.62 -4.97
CA GLN C 501 9.07 -6.63 -4.35
C GLN C 501 8.59 -7.09 -2.98
N GLY C 502 8.21 -8.37 -2.90
CA GLY C 502 7.73 -8.94 -1.65
C GLY C 502 8.77 -8.96 -0.53
N SER C 503 10.01 -9.28 -0.88
CA SER C 503 11.07 -9.31 0.13
C SER C 503 11.35 -7.89 0.62
N ALA C 504 11.26 -6.92 -0.29
CA ALA C 504 11.50 -5.53 0.09
C ALA C 504 10.39 -5.12 1.06
N ALA C 505 9.17 -5.64 0.82
CA ALA C 505 8.04 -5.32 1.69
C ALA C 505 8.28 -5.93 3.07
N ASP C 506 8.76 -7.17 3.08
CA ASP C 506 9.05 -7.85 4.36
C ASP C 506 10.03 -7.02 5.18
N ILE C 507 11.11 -6.59 4.53
CA ILE C 507 12.16 -5.80 5.17
C ILE C 507 11.67 -4.49 5.77
N ILE C 508 10.93 -3.69 5.00
CA ILE C 508 10.48 -2.43 5.56
C ILE C 508 9.48 -2.67 6.69
N LYS C 509 8.67 -3.71 6.59
CA LYS C 509 7.71 -4.02 7.65
C LYS C 509 8.45 -4.37 8.94
N LYS C 510 9.53 -5.15 8.83
CA LYS C 510 10.28 -5.52 10.01
C LYS C 510 10.99 -4.29 10.57
N ALA C 511 11.46 -3.43 9.67
CA ALA C 511 12.14 -2.21 10.08
C ALA C 511 11.19 -1.34 10.91
N MET C 512 9.92 -1.30 10.51
CA MET C 512 8.91 -0.51 11.23
C MET C 512 8.72 -1.04 12.66
N ILE C 513 8.67 -2.36 12.78
CA ILE C 513 8.51 -2.98 14.08
C ILE C 513 9.76 -2.69 14.92
N ASP C 514 10.94 -2.89 14.34
CA ASP C 514 12.20 -2.63 15.04
C ASP C 514 12.32 -1.16 15.46
N LEU C 515 11.96 -0.27 14.55
CA LEU C 515 12.05 1.16 14.81
C LEU C 515 11.17 1.57 15.98
N ASN C 516 9.92 1.11 15.98
CA ASN C 516 9.00 1.45 17.06
C ASN C 516 9.50 0.97 18.41
N ALA C 517 10.14 -0.20 18.43
CA ALA C 517 10.68 -0.73 19.68
C ALA C 517 11.86 0.15 20.13
N ARG C 518 12.71 0.55 19.19
CA ARG C 518 13.85 1.38 19.55
C ARG C 518 13.43 2.78 20.02
N LEU C 519 12.45 3.37 19.35
CA LEU C 519 11.98 4.70 19.74
C LEU C 519 11.46 4.68 21.19
N LYS C 520 10.81 3.58 21.56
CA LYS C 520 10.27 3.42 22.90
C LYS C 520 11.40 3.21 23.92
N GLU C 521 12.38 2.38 23.58
CA GLU C 521 13.51 2.13 24.46
C GLU C 521 14.29 3.41 24.73
N GLU C 522 14.37 4.26 23.70
CA GLU C 522 15.09 5.52 23.78
C GLU C 522 14.27 6.66 24.38
N ARG C 523 13.01 6.39 24.66
CA ARG C 523 12.11 7.40 25.24
C ARG C 523 11.94 8.62 24.33
N LEU C 524 11.98 8.41 23.01
CA LEU C 524 11.81 9.52 22.09
C LEU C 524 10.31 9.75 21.88
N GLN C 525 9.94 10.99 21.56
CA GLN C 525 8.54 11.34 21.31
C GLN C 525 8.25 11.13 19.82
N ALA C 526 9.31 11.03 19.03
CA ALA C 526 9.19 10.81 17.60
C ALA C 526 8.27 9.62 17.34
N HIS C 527 7.48 9.70 16.27
CA HIS C 527 6.61 8.59 15.93
C HIS C 527 6.35 8.52 14.44
N LEU C 528 6.05 7.30 13.98
CA LEU C 528 5.76 7.06 12.59
C LEU C 528 4.44 7.69 12.18
N LEU C 529 4.39 8.21 10.97
CA LEU C 529 3.17 8.78 10.43
C LEU C 529 2.71 8.01 9.20
N LEU C 530 3.64 7.79 8.27
CA LEU C 530 3.32 7.11 7.02
C LEU C 530 4.42 6.18 6.54
N GLN C 531 4.03 5.25 5.68
CA GLN C 531 4.96 4.34 5.05
C GLN C 531 4.57 4.42 3.59
N VAL C 532 5.55 4.65 2.72
CA VAL C 532 5.28 4.73 1.29
C VAL C 532 6.21 3.77 0.54
N HIS C 533 5.95 2.48 0.73
CA HIS C 533 6.69 1.38 0.09
C HIS C 533 8.14 1.19 0.45
N ASP C 534 8.99 2.18 0.19
CA ASP C 534 10.40 2.03 0.55
C ASP C 534 10.84 3.16 1.45
N GLU C 535 9.89 3.92 1.96
CA GLU C 535 10.24 5.02 2.84
C GLU C 535 9.33 5.13 4.05
N LEU C 536 9.89 5.65 5.14
CA LEU C 536 9.15 5.85 6.38
C LEU C 536 9.16 7.33 6.70
N ILE C 537 7.98 7.87 6.98
CA ILE C 537 7.87 9.29 7.32
C ILE C 537 7.48 9.40 8.79
N LEU C 538 8.24 10.17 9.55
CA LEU C 538 7.96 10.39 10.98
C LEU C 538 7.89 11.89 11.24
N GLU C 539 7.51 12.23 12.47
CA GLU C 539 7.49 13.63 12.91
C GLU C 539 8.00 13.54 14.34
N ALA C 540 8.69 14.58 14.79
CA ALA C 540 9.24 14.58 16.14
C ALA C 540 9.67 15.98 16.54
N PRO C 541 9.91 16.19 17.85
CA PRO C 541 10.36 17.50 18.34
C PRO C 541 11.63 17.84 17.59
N LYS C 542 11.86 19.12 17.31
CA LYS C 542 13.08 19.51 16.60
C LYS C 542 14.31 19.08 17.38
N GLU C 543 14.18 18.96 18.70
CA GLU C 543 15.28 18.55 19.57
C GLU C 543 15.73 17.09 19.38
N GLU C 544 14.95 16.31 18.66
CA GLU C 544 15.27 14.89 18.44
C GLU C 544 15.86 14.58 17.06
N MET C 545 15.93 15.57 16.18
CA MET C 545 16.46 15.33 14.84
C MET C 545 17.85 14.69 14.84
N GLU C 546 18.80 15.25 15.57
CA GLU C 546 20.16 14.70 15.58
C GLU C 546 20.17 13.22 15.96
N ARG C 547 19.43 12.85 16.99
CA ARG C 547 19.39 11.45 17.40
C ARG C 547 18.72 10.60 16.30
N LEU C 548 17.68 11.14 15.67
CA LEU C 548 17.00 10.38 14.62
C LEU C 548 17.88 10.20 13.40
N CYS C 549 18.76 11.16 13.13
CA CYS C 549 19.67 11.06 11.99
C CYS C 549 20.54 9.82 12.12
N ARG C 550 20.83 9.43 13.35
CA ARG C 550 21.66 8.24 13.57
C ARG C 550 20.83 6.99 13.79
N LEU C 551 19.76 7.11 14.56
CA LEU C 551 18.92 5.96 14.90
C LEU C 551 18.08 5.36 13.76
N VAL C 552 17.34 6.19 13.06
CA VAL C 552 16.47 5.70 12.00
C VAL C 552 17.16 4.91 10.89
N PRO C 553 18.21 5.48 10.26
CA PRO C 553 18.89 4.75 9.20
C PRO C 553 19.50 3.44 9.69
N GLU C 554 20.10 3.46 10.88
CA GLU C 554 20.72 2.27 11.45
C GLU C 554 19.70 1.14 11.61
N VAL C 555 18.58 1.45 12.27
CA VAL C 555 17.54 0.44 12.47
C VAL C 555 17.02 -0.11 11.13
N MET C 556 16.79 0.77 10.17
CA MET C 556 16.30 0.34 8.87
C MET C 556 17.34 -0.46 8.09
N GLU C 557 18.60 -0.04 8.19
CA GLU C 557 19.67 -0.74 7.49
C GLU C 557 19.96 -2.11 8.10
N GLN C 558 19.72 -2.28 9.39
CA GLN C 558 19.98 -3.55 10.05
C GLN C 558 18.77 -4.46 10.22
N ALA C 559 17.63 -4.07 9.64
CA ALA C 559 16.41 -4.89 9.76
C ALA C 559 16.66 -6.35 9.43
N VAL C 560 17.46 -6.59 8.39
CA VAL C 560 17.83 -7.93 7.96
C VAL C 560 19.28 -7.85 7.49
N THR C 561 19.91 -9.00 7.33
CA THR C 561 21.28 -9.02 6.85
C THR C 561 21.28 -9.73 5.51
N LEU C 562 21.72 -9.03 4.47
CA LEU C 562 21.78 -9.57 3.12
C LEU C 562 23.23 -9.71 2.71
N ARG C 563 23.46 -10.22 1.51
CA ARG C 563 24.79 -10.39 0.98
C ARG C 563 25.38 -9.04 0.55
N VAL C 564 24.53 -8.03 0.49
CA VAL C 564 24.95 -6.68 0.15
C VAL C 564 24.43 -5.75 1.23
N PRO C 565 25.02 -4.56 1.37
CA PRO C 565 24.55 -3.63 2.39
C PRO C 565 23.19 -3.06 2.01
N LEU C 566 22.47 -2.58 3.01
CA LEU C 566 21.19 -1.91 2.77
C LEU C 566 21.60 -0.47 3.07
N LYS C 567 21.14 0.47 2.26
CA LYS C 567 21.49 1.86 2.43
C LYS C 567 20.23 2.71 2.57
N VAL C 568 20.25 3.60 3.56
CA VAL C 568 19.10 4.46 3.82
C VAL C 568 19.47 5.94 3.79
N ASP C 569 18.76 6.71 2.97
CA ASP C 569 18.98 8.15 2.92
C ASP C 569 17.91 8.81 3.76
N TYR C 570 18.18 10.01 4.25
CA TYR C 570 17.22 10.68 5.11
C TYR C 570 17.35 12.20 5.05
N HIS C 571 16.24 12.86 5.35
CA HIS C 571 16.16 14.32 5.34
C HIS C 571 15.06 14.72 6.33
N TYR C 572 15.06 15.98 6.73
CA TYR C 572 14.03 16.46 7.63
C TYR C 572 13.80 17.93 7.35
N GLY C 573 12.62 18.43 7.71
CA GLY C 573 12.31 19.83 7.47
C GLY C 573 10.97 20.23 8.07
N SER C 574 10.59 21.48 7.82
CA SER C 574 9.34 22.03 8.35
C SER C 574 8.08 21.40 7.75
N THR C 575 8.20 20.88 6.54
CA THR C 575 7.06 20.23 5.89
C THR C 575 7.57 18.98 5.20
N TRP C 576 6.66 18.17 4.70
CA TRP C 576 7.06 16.95 4.00
C TRP C 576 7.89 17.34 2.78
N TYR C 577 7.49 18.43 2.13
CA TYR C 577 8.21 18.92 0.96
C TYR C 577 9.67 19.23 1.28
N ASP C 578 9.91 19.78 2.47
CA ASP C 578 11.25 20.16 2.90
C ASP C 578 12.10 19.01 3.38
N ALA C 579 11.48 17.88 3.73
CA ALA C 579 12.24 16.71 4.18
C ALA C 579 12.79 16.17 2.87
N LYS C 580 13.56 17.03 2.21
CA LYS C 580 14.16 16.79 0.91
C LYS C 580 15.69 16.82 0.93
C1 GLC D . -12.66 -2.37 3.81
C2 GLC D . -13.49 -2.01 2.54
C3 GLC D . -12.39 -1.35 1.47
C4 GLC D . -11.76 -0.06 2.09
C5 GLC D . -11.12 -0.37 3.50
C6 GLC D . -10.70 0.88 4.27
O2 GLC D . -14.04 -3.18 1.96
O3 GLC D . -13.13 -1.00 0.31
O4 GLC D . -10.81 0.45 1.16
O5 GLC D . -12.08 -1.12 4.35
O6 GLC D . -11.82 1.72 4.55
C1 FRU D . -12.53 -5.49 4.29
C2 FRU D . -11.33 -4.51 4.30
C3 FRU D . -9.96 -5.16 4.03
C4 FRU D . -9.01 -4.26 4.82
C5 FRU D . -9.85 -3.84 6.04
C6 FRU D . -9.69 -2.40 6.55
O1 FRU D . -12.35 -6.61 5.17
O2 FRU D . -11.59 -3.32 3.48
O3 FRU D . -9.61 -5.22 2.63
O4 FRU D . -7.79 -4.94 5.13
O5 FRU D . -11.24 -4.04 5.67
O6 FRU D . -10.46 -2.23 7.73
C1 GLC E . -15.51 22.52 -18.64
C2 GLC E . -14.13 21.90 -18.98
C3 GLC E . -14.16 20.37 -18.32
C4 GLC E . -14.35 20.48 -16.77
C5 GLC E . -15.63 21.31 -16.41
C6 GLC E . -15.76 21.66 -14.91
O2 GLC E . -13.96 21.78 -20.39
O3 GLC E . -12.89 19.79 -18.61
O4 GLC E . -14.41 19.15 -16.24
O5 GLC E . -15.64 22.59 -17.16
O6 GLC E . -14.82 22.66 -14.52
C1 FRU E . -17.34 22.60 -21.42
C2 FRU E . -17.75 22.33 -19.93
C3 FRU E . -19.10 21.58 -19.75
C4 FRU E . -19.65 22.17 -18.45
C5 FRU E . -19.15 23.64 -18.49
C6 FRU E . -18.76 24.25 -17.12
O1 FRU E . -18.42 23.12 -22.23
O2 FRU E . -16.63 21.72 -19.20
O3 FRU E . -18.97 20.16 -19.66
O4 FRU E . -21.07 22.03 -18.37
O5 FRU E . -17.99 23.64 -19.35
O6 FRU E . -18.03 25.47 -17.32
S SO4 F . -26.35 -24.47 19.00
O1 SO4 F . -26.32 -23.19 18.27
O2 SO4 F . -26.02 -25.58 18.10
O3 SO4 F . -25.37 -24.44 20.11
O4 SO4 F . -27.71 -24.67 19.55
S SO4 G . 18.13 9.19 -10.04
O1 SO4 G . 18.66 10.52 -9.67
O2 SO4 G . 18.01 9.09 -11.51
O3 SO4 G . 19.05 8.15 -9.55
O4 SO4 G . 16.80 9.00 -9.42
S SO4 H . 12.45 -0.54 29.41
O1 SO4 H . 12.09 -1.90 29.86
O2 SO4 H . 13.13 -0.61 28.10
O3 SO4 H . 13.35 0.07 30.40
O4 SO4 H . 11.22 0.28 29.27
MG MG I . 14.11 5.49 -2.65
#